data_5LNB
#
_entry.id   5LNB
#
_cell.length_a   42.540
_cell.length_b   55.580
_cell.length_c   172.780
_cell.angle_alpha   90.00
_cell.angle_beta   90.00
_cell.angle_gamma   90.00
#
_symmetry.space_group_name_H-M   'P 21 21 21'
#
loop_
_entity.id
_entity.type
_entity.pdbx_description
1 polymer 'Ubiquitin-like-specific protease 2'
2 non-polymer 'ACETATE ION'
3 water water
#
_entity_poly.entity_id   1
_entity_poly.type   'polypeptide(L)'
_entity_poly.pdbx_seq_one_letter_code
;SSNSEFDDATTEFETPELFKPSLCYKFNDGSSYTITNQDFKCLFNKDWVNDSILDFFTKFYIESSIEKSIIKREQVHLMS
SFFYTKLISNPADYYSNVKKWVNNTDLFSKKYVVIPINISYHWFSCIITNLDAILDFHQNKDKNDAINSDEISINNPLVN
ILTFDSLRQTHSREIDPIKEFLISYALDKYSIQLDKTQIKMKTCPVPQQPNMSDCGVHVILNIRKFFENPVETIDVWKNS
KIKSKHFTAKMINKYFDKNERNSARKNLRHTLKLLQLNYISYLKKENLYEEVMQMEEKKSTGGGHHHHHH
;
_entity_poly.pdbx_strand_id   B
#
# COMPACT_ATOMS: atom_id res chain seq x y z
N LEU A 18 -4.93 -12.89 24.01
CA LEU A 18 -5.14 -14.07 23.16
C LEU A 18 -5.73 -13.67 21.82
N PHE A 19 -5.04 -14.06 20.74
CA PHE A 19 -5.52 -13.90 19.37
C PHE A 19 -5.38 -15.27 18.70
N LYS A 20 -6.20 -16.22 19.16
CA LYS A 20 -6.02 -17.61 18.89
C LYS A 20 -7.41 -18.23 18.77
N PRO A 21 -7.70 -18.95 17.69
CA PRO A 21 -6.77 -19.26 16.60
C PRO A 21 -6.38 -18.03 15.75
N SER A 22 -5.37 -18.22 14.90
CA SER A 22 -4.98 -17.15 13.99
C SER A 22 -6.12 -16.87 13.02
N LEU A 23 -6.28 -15.59 12.68
CA LEU A 23 -7.25 -15.21 11.66
C LEU A 23 -6.80 -15.74 10.30
N CYS A 24 -7.72 -16.41 9.62
CA CYS A 24 -7.54 -16.83 8.24
C CYS A 24 -8.60 -16.14 7.41
N TYR A 25 -8.20 -15.21 6.55
CA TYR A 25 -9.15 -14.37 5.82
C TYR A 25 -9.03 -14.65 4.33
N LYS A 26 -10.17 -14.83 3.68
CA LYS A 26 -10.26 -15.16 2.25
C LYS A 26 -10.85 -13.98 1.49
N PHE A 27 -10.08 -13.43 0.56
CA PHE A 27 -10.55 -12.32 -0.27
C PHE A 27 -11.23 -12.84 -1.54
N ASN A 28 -11.97 -11.93 -2.21
CA ASN A 28 -12.79 -12.34 -3.35
C ASN A 28 -11.97 -12.75 -4.57
N ASP A 29 -10.69 -12.41 -4.62
CA ASP A 29 -9.83 -12.90 -5.68
C ASP A 29 -9.22 -14.28 -5.37
N GLY A 30 -9.75 -14.96 -4.36
CA GLY A 30 -9.24 -16.26 -3.97
C GLY A 30 -8.00 -16.26 -3.07
N SER A 31 -7.39 -15.11 -2.81
CA SER A 31 -6.19 -15.07 -1.97
C SER A 31 -6.56 -15.19 -0.49
N SER A 32 -5.64 -15.78 0.27
CA SER A 32 -5.86 -16.11 1.66
C SER A 32 -4.73 -15.55 2.51
N TYR A 33 -5.08 -14.95 3.65
CA TYR A 33 -4.11 -14.36 4.56
C TYR A 33 -4.29 -14.93 5.95
N THR A 34 -3.18 -15.26 6.60
CA THR A 34 -3.20 -15.71 7.99
C THR A 34 -2.56 -14.64 8.86
N ILE A 35 -3.28 -14.21 9.90
CA ILE A 35 -2.79 -13.21 10.83
C ILE A 35 -2.67 -13.88 12.19
N THR A 36 -1.44 -14.01 12.69
CA THR A 36 -1.20 -14.64 13.97
C THR A 36 -1.15 -13.61 15.08
N ASN A 37 -1.12 -14.10 16.34
CA ASN A 37 -1.00 -13.20 17.47
C ASN A 37 0.32 -12.43 17.40
N GLN A 38 1.39 -13.09 16.96
CA GLN A 38 2.67 -12.40 16.79
C GLN A 38 2.54 -11.18 15.87
N ASP A 39 1.66 -11.24 14.87
CA ASP A 39 1.42 -10.09 14.00
C ASP A 39 0.49 -9.08 14.65
N PHE A 40 -0.62 -9.58 15.22
CA PHE A 40 -1.64 -8.73 15.81
C PHE A 40 -1.07 -7.85 16.93
N LYS A 41 -0.07 -8.35 17.67
CA LYS A 41 0.36 -7.65 18.86
C LYS A 41 1.13 -6.36 18.55
N CYS A 42 1.60 -6.18 17.31
CA CYS A 42 2.29 -4.93 16.99
C CYS A 42 1.34 -3.73 16.97
N LEU A 43 0.03 -3.98 16.93
CA LEU A 43 -0.97 -2.92 16.99
C LEU A 43 -1.25 -2.44 18.41
N PHE A 44 -0.38 -2.76 19.36
CA PHE A 44 -0.46 -2.19 20.69
C PHE A 44 0.61 -1.11 20.88
N ASN A 45 0.34 -0.19 21.80
CA ASN A 45 1.26 0.91 22.08
C ASN A 45 1.63 1.64 20.79
N LYS A 46 2.91 1.63 20.44
CA LYS A 46 3.41 2.21 19.21
C LYS A 46 4.46 1.31 18.60
N ASP A 47 4.20 0.00 18.59
CA ASP A 47 5.15 -0.94 18.03
C ASP A 47 5.27 -0.77 16.53
N TRP A 48 6.45 -1.09 16.00
CA TRP A 48 6.64 -1.16 14.56
C TRP A 48 5.59 -2.09 13.94
N VAL A 49 4.98 -1.64 12.85
CA VAL A 49 3.97 -2.42 12.16
C VAL A 49 4.66 -3.40 11.22
N ASN A 50 4.46 -4.70 11.43
CA ASN A 50 5.17 -5.68 10.62
C ASN A 50 4.51 -5.86 9.25
N ASP A 51 5.21 -6.61 8.38
CA ASP A 51 4.76 -6.79 6.99
C ASP A 51 3.40 -7.47 6.93
N SER A 52 3.14 -8.42 7.83
CA SER A 52 1.88 -9.16 7.78
C SER A 52 0.69 -8.22 7.97
N ILE A 53 0.77 -7.37 8.98
CA ILE A 53 -0.33 -6.44 9.25
C ILE A 53 -0.49 -5.47 8.10
N LEU A 54 0.62 -4.89 7.64
CA LEU A 54 0.52 -3.89 6.60
C LEU A 54 0.02 -4.48 5.29
N ASP A 55 0.59 -5.62 4.86
CA ASP A 55 0.14 -6.20 3.60
C ASP A 55 -1.32 -6.68 3.70
N PHE A 56 -1.74 -7.18 4.86
CA PHE A 56 -3.14 -7.56 5.00
C PHE A 56 -4.05 -6.36 4.80
N PHE A 57 -3.75 -5.24 5.47
CA PHE A 57 -4.68 -4.11 5.45
C PHE A 57 -4.65 -3.33 4.14
N THR A 58 -3.50 -3.22 3.48
CA THR A 58 -3.53 -2.59 2.17
C THR A 58 -4.41 -3.41 1.23
N LYS A 59 -4.27 -4.72 1.26
CA LYS A 59 -5.17 -5.60 0.53
C LYS A 59 -6.60 -5.40 0.99
N PHE A 60 -6.82 -5.38 2.31
CA PHE A 60 -8.16 -5.28 2.84
C PHE A 60 -8.88 -4.02 2.34
N TYR A 61 -8.23 -2.86 2.42
CA TYR A 61 -8.92 -1.62 2.06
C TYR A 61 -9.01 -1.40 0.56
N ILE A 62 -8.15 -2.03 -0.23
CA ILE A 62 -8.31 -1.92 -1.68
C ILE A 62 -9.45 -2.83 -2.15
N GLU A 63 -9.58 -4.00 -1.55
CA GLU A 63 -10.70 -4.87 -1.85
C GLU A 63 -12.02 -4.21 -1.47
N SER A 64 -12.03 -3.49 -0.34
CA SER A 64 -13.23 -2.75 0.04
C SER A 64 -13.60 -1.74 -1.04
N SER A 65 -12.58 -1.03 -1.55
CA SER A 65 -12.80 -0.08 -2.64
C SER A 65 -13.35 -0.77 -3.88
N ILE A 66 -12.87 -1.97 -4.17
CA ILE A 66 -13.40 -2.71 -5.32
C ILE A 66 -14.84 -3.14 -5.05
N GLU A 67 -15.13 -3.60 -3.82
CA GLU A 67 -16.50 -4.04 -3.49
C GLU A 67 -17.50 -2.90 -3.68
N LYS A 68 -17.10 -1.68 -3.33
CA LYS A 68 -18.00 -0.55 -3.44
C LYS A 68 -18.08 0.04 -4.85
N SER A 69 -17.40 -0.58 -5.81
CA SER A 69 -17.34 -0.08 -7.18
C SER A 69 -16.75 1.32 -7.24
N ILE A 70 -15.92 1.67 -6.26
CA ILE A 70 -15.17 2.92 -6.37
C ILE A 70 -14.13 2.79 -7.47
N ILE A 71 -13.51 1.62 -7.59
CA ILE A 71 -12.60 1.28 -8.67
C ILE A 71 -12.99 -0.10 -9.18
N LYS A 72 -12.48 -0.43 -10.36
CA LYS A 72 -12.62 -1.77 -10.91
C LYS A 72 -11.37 -2.58 -10.58
N ARG A 73 -11.55 -3.89 -10.43
CA ARG A 73 -10.44 -4.76 -10.07
C ARG A 73 -9.28 -4.61 -11.04
N GLU A 74 -9.56 -4.52 -12.34
CA GLU A 74 -8.50 -4.48 -13.34
C GLU A 74 -7.73 -3.16 -13.37
N GLN A 75 -8.15 -2.15 -12.60
CA GLN A 75 -7.46 -0.86 -12.61
C GLN A 75 -6.31 -0.76 -11.61
N VAL A 76 -6.18 -1.72 -10.68
CA VAL A 76 -5.26 -1.61 -9.56
C VAL A 76 -4.40 -2.85 -9.48
N HIS A 77 -3.10 -2.68 -9.24
CA HIS A 77 -2.20 -3.77 -8.89
C HIS A 77 -1.49 -3.44 -7.58
N LEU A 78 -1.67 -4.30 -6.57
CA LEU A 78 -1.09 -4.10 -5.26
C LEU A 78 0.13 -5.00 -5.12
N MET A 79 1.29 -4.38 -4.93
CA MET A 79 2.50 -5.14 -4.60
C MET A 79 2.55 -5.39 -3.11
N SER A 80 2.97 -6.59 -2.73
CA SER A 80 3.30 -6.80 -1.33
C SER A 80 4.55 -6.00 -0.97
N SER A 81 4.71 -5.72 0.32
CA SER A 81 5.87 -4.95 0.77
C SER A 81 7.19 -5.62 0.40
N PHE A 82 7.21 -6.93 0.21
CA PHE A 82 8.46 -7.60 -0.12
C PHE A 82 8.94 -7.33 -1.55
N PHE A 83 8.08 -6.80 -2.43
CA PHE A 83 8.52 -6.49 -3.78
C PHE A 83 9.68 -5.51 -3.78
N TYR A 84 9.50 -4.33 -3.16
CA TYR A 84 10.55 -3.33 -3.22
C TYR A 84 11.83 -3.86 -2.59
N THR A 85 11.71 -4.54 -1.45
CA THR A 85 12.89 -5.12 -0.82
C THR A 85 13.61 -6.08 -1.76
N LYS A 86 12.86 -6.90 -2.51
CA LYS A 86 13.49 -7.78 -3.47
C LYS A 86 14.14 -6.97 -4.59
N LEU A 87 13.43 -5.94 -5.06
CA LEU A 87 13.93 -5.09 -6.14
C LEU A 87 15.35 -4.60 -5.89
N ILE A 88 15.62 -4.09 -4.68
CA ILE A 88 16.90 -3.47 -4.35
C ILE A 88 17.84 -4.45 -3.64
N SER A 89 17.46 -5.74 -3.55
CA SER A 89 18.30 -6.67 -2.81
C SER A 89 19.68 -6.78 -3.41
N ASN A 90 19.79 -6.67 -4.73
CA ASN A 90 21.06 -6.71 -5.45
C ASN A 90 21.03 -5.58 -6.48
N PRO A 91 21.63 -4.43 -6.17
CA PRO A 91 21.54 -3.27 -7.08
C PRO A 91 22.39 -3.38 -8.34
N ALA A 92 23.12 -4.47 -8.55
CA ALA A 92 23.80 -4.68 -9.82
C ALA A 92 22.83 -4.86 -10.98
N ASP A 93 21.54 -5.10 -10.69
CA ASP A 93 20.56 -5.43 -11.72
C ASP A 93 19.17 -5.51 -11.12
N TYR A 94 18.55 -4.35 -10.91
CA TYR A 94 17.26 -4.32 -10.22
C TYR A 94 16.25 -5.26 -10.87
N TYR A 95 16.17 -5.24 -12.21
CA TYR A 95 15.10 -5.96 -12.86
C TYR A 95 15.26 -7.46 -12.72
N SER A 96 16.48 -7.98 -12.90
CA SER A 96 16.71 -9.41 -12.71
C SER A 96 16.22 -9.89 -11.35
N ASN A 97 16.23 -9.02 -10.33
CA ASN A 97 15.85 -9.44 -9.00
C ASN A 97 14.39 -9.83 -8.92
N VAL A 98 13.52 -9.13 -9.67
CA VAL A 98 12.08 -9.31 -9.59
C VAL A 98 11.48 -9.83 -10.88
N LYS A 99 12.30 -10.31 -11.83
CA LYS A 99 11.75 -10.78 -13.10
C LYS A 99 10.76 -11.91 -12.90
N LYS A 100 11.11 -12.91 -12.10
CA LYS A 100 10.16 -13.99 -11.82
C LYS A 100 8.96 -13.45 -11.05
N TRP A 101 9.21 -12.51 -10.13
CA TRP A 101 8.14 -11.88 -9.36
C TRP A 101 7.03 -11.33 -10.27
N VAL A 102 7.40 -10.68 -11.37
CA VAL A 102 6.44 -9.98 -12.21
C VAL A 102 6.06 -10.79 -13.45
N ASN A 103 6.40 -12.07 -13.50
CA ASN A 103 5.95 -12.91 -14.59
C ASN A 103 4.44 -12.94 -14.66
N ASN A 104 3.89 -12.84 -15.86
CA ASN A 104 2.45 -12.88 -16.09
C ASN A 104 1.73 -11.76 -15.35
N THR A 105 2.37 -10.60 -15.25
CA THR A 105 1.73 -9.37 -14.85
C THR A 105 1.56 -8.46 -16.06
N ASP A 106 0.76 -7.42 -15.88
CA ASP A 106 0.48 -6.48 -16.95
C ASP A 106 0.32 -5.11 -16.33
N LEU A 107 1.41 -4.59 -15.75
CA LEU A 107 1.31 -3.39 -14.90
C LEU A 107 0.86 -2.15 -15.68
N PHE A 108 1.25 -2.05 -16.95
CA PHE A 108 0.92 -0.84 -17.71
C PHE A 108 -0.54 -0.79 -18.14
N SER A 109 -1.34 -1.81 -17.86
CA SER A 109 -2.79 -1.66 -18.01
C SER A 109 -3.46 -1.17 -16.73
N LYS A 110 -2.70 -0.93 -15.68
CA LYS A 110 -3.26 -0.48 -14.42
C LYS A 110 -3.29 1.04 -14.33
N LYS A 111 -4.38 1.57 -13.79
CA LYS A 111 -4.42 2.98 -13.39
C LYS A 111 -3.61 3.25 -12.12
N TYR A 112 -3.53 2.29 -11.19
CA TYR A 112 -2.85 2.50 -9.91
C TYR A 112 -2.02 1.27 -9.60
N VAL A 113 -0.71 1.44 -9.47
CA VAL A 113 0.17 0.37 -9.01
C VAL A 113 0.70 0.80 -7.65
N VAL A 114 0.38 0.02 -6.61
CA VAL A 114 0.60 0.41 -5.21
C VAL A 114 1.83 -0.31 -4.69
N ILE A 115 2.82 0.45 -4.23
CA ILE A 115 4.04 -0.16 -3.75
C ILE A 115 4.39 0.36 -2.36
N PRO A 116 4.07 -0.38 -1.30
CA PRO A 116 4.55 0.00 0.04
C PRO A 116 6.04 -0.30 0.18
N ILE A 117 6.74 0.55 0.92
CA ILE A 117 8.19 0.56 0.98
C ILE A 117 8.62 0.47 2.45
N ASN A 118 9.42 -0.54 2.77
CA ASN A 118 9.88 -0.81 4.13
C ASN A 118 11.40 -0.79 4.11
N ILE A 119 11.99 0.29 4.64
CA ILE A 119 13.44 0.43 4.68
C ILE A 119 13.85 0.78 6.11
N SER A 120 14.76 0.00 6.67
CA SER A 120 15.29 0.25 8.01
C SER A 120 14.19 0.71 8.98
N TYR A 121 13.09 -0.04 8.99
CA TYR A 121 11.98 0.14 9.92
C TYR A 121 11.20 1.42 9.68
N HIS A 122 11.40 2.07 8.55
CA HIS A 122 10.65 3.25 8.14
C HIS A 122 9.72 2.86 7.01
N TRP A 123 8.41 2.93 7.25
CA TRP A 123 7.39 2.68 6.24
C TRP A 123 7.02 3.97 5.52
N PHE A 124 6.96 3.90 4.20
CA PHE A 124 6.22 4.88 3.40
C PHE A 124 5.74 4.14 2.16
N SER A 125 5.14 4.87 1.21
CA SER A 125 4.51 4.19 0.09
C SER A 125 4.46 5.09 -1.14
N CYS A 126 4.32 4.46 -2.30
CA CYS A 126 4.02 5.22 -3.51
C CYS A 126 2.92 4.52 -4.29
N ILE A 127 2.32 5.27 -5.20
CA ILE A 127 1.30 4.77 -6.11
C ILE A 127 1.66 5.28 -7.50
N ILE A 128 1.83 4.37 -8.44
CA ILE A 128 2.25 4.71 -9.80
C ILE A 128 1.00 4.94 -10.63
N THR A 129 0.89 6.12 -11.24
CA THR A 129 -0.24 6.46 -12.08
C THR A 129 0.22 6.76 -13.52
N ASN A 130 -0.74 6.71 -14.44
CA ASN A 130 -0.59 7.05 -15.85
C ASN A 130 0.13 5.99 -16.66
N LEU A 131 0.44 4.82 -16.09
CA LEU A 131 1.03 3.75 -16.90
C LEU A 131 0.08 3.34 -18.01
N ASP A 132 -1.23 3.34 -17.74
CA ASP A 132 -2.22 2.95 -18.75
C ASP A 132 -2.34 3.97 -19.87
N ALA A 133 -1.70 5.13 -19.75
CA ALA A 133 -1.65 6.06 -20.87
C ALA A 133 -0.42 5.84 -21.74
N ILE A 134 0.63 5.23 -21.19
CA ILE A 134 1.84 5.00 -21.97
C ILE A 134 1.57 4.04 -23.11
N LEU A 135 0.97 2.89 -22.81
CA LEU A 135 0.69 1.90 -23.84
C LEU A 135 -0.11 2.51 -25.01
N ASP A 136 -1.19 3.23 -24.68
CA ASP A 136 -2.03 3.82 -25.73
C ASP A 136 -1.22 4.74 -26.64
N PHE A 137 -0.18 5.36 -26.10
CA PHE A 137 0.65 6.30 -26.86
C PHE A 137 1.49 5.61 -27.92
N PRO A 157 3.21 12.28 -22.26
CA PRO A 157 2.56 11.39 -21.28
C PRO A 157 3.48 11.12 -20.10
N LEU A 158 3.22 11.70 -18.94
CA LEU A 158 4.12 11.62 -17.79
C LEU A 158 3.65 10.57 -16.80
N VAL A 159 4.55 9.67 -16.42
CA VAL A 159 4.28 8.69 -15.38
C VAL A 159 4.59 9.34 -14.04
N ASN A 160 3.61 9.35 -13.14
CA ASN A 160 3.75 10.02 -11.84
C ASN A 160 3.83 8.95 -10.76
N ILE A 161 4.92 8.94 -10.03
CA ILE A 161 5.07 8.06 -8.87
C ILE A 161 4.69 8.89 -7.65
N LEU A 162 3.44 8.73 -7.20
CA LEU A 162 2.92 9.52 -6.09
C LEU A 162 3.45 8.93 -4.78
N THR A 163 4.36 9.65 -4.13
CA THR A 163 5.11 9.17 -2.97
C THR A 163 4.70 9.95 -1.73
N PHE A 164 4.32 9.25 -0.66
CA PHE A 164 3.79 9.91 0.53
C PHE A 164 4.35 9.27 1.79
N ASP A 165 4.74 10.12 2.74
CA ASP A 165 5.50 9.71 3.91
C ASP A 165 5.05 10.57 5.08
N SER A 166 4.70 9.94 6.20
CA SER A 166 4.31 10.70 7.38
C SER A 166 5.49 11.41 8.02
N LEU A 167 6.73 10.99 7.73
CA LEU A 167 7.89 11.76 8.18
C LEU A 167 8.20 12.88 7.19
N ARG A 168 8.98 13.85 7.64
CA ARG A 168 9.30 15.02 6.82
C ARG A 168 10.52 14.72 5.96
N GLN A 169 10.29 13.94 4.90
CA GLN A 169 11.36 13.43 4.06
C GLN A 169 10.88 13.30 2.62
N THR A 170 11.83 13.44 1.70
CA THR A 170 11.64 13.20 0.28
C THR A 170 12.51 12.02 -0.13
N HIS A 171 12.12 11.32 -1.19
CA HIS A 171 12.64 9.98 -1.42
C HIS A 171 13.13 9.78 -2.84
N SER A 172 13.80 10.80 -3.39
CA SER A 172 14.41 10.67 -4.70
C SER A 172 15.28 9.42 -4.83
N ARG A 173 16.18 9.21 -3.85
CA ARG A 173 17.11 8.08 -3.95
C ARG A 173 16.39 6.74 -3.90
N GLU A 174 15.36 6.61 -3.04
CA GLU A 174 14.65 5.34 -2.90
C GLU A 174 13.67 5.08 -4.03
N ILE A 175 13.17 6.12 -4.70
CA ILE A 175 12.25 5.92 -5.81
C ILE A 175 12.98 5.67 -7.12
N ASP A 176 14.26 6.03 -7.22
CA ASP A 176 14.98 5.82 -8.46
C ASP A 176 14.99 4.35 -8.89
N PRO A 177 15.16 3.37 -8.01
CA PRO A 177 15.05 1.97 -8.45
C PRO A 177 13.71 1.65 -9.07
N ILE A 178 12.64 2.35 -8.67
CA ILE A 178 11.34 2.06 -9.26
C ILE A 178 11.27 2.64 -10.66
N LYS A 179 11.89 3.80 -10.89
CA LYS A 179 12.00 4.33 -12.24
C LYS A 179 12.68 3.33 -13.15
N GLU A 180 13.81 2.77 -12.71
CA GLU A 180 14.55 1.84 -13.56
C GLU A 180 13.77 0.56 -13.78
N PHE A 181 13.07 0.08 -12.75
CA PHE A 181 12.19 -1.06 -12.89
C PHE A 181 11.17 -0.83 -14.01
N LEU A 182 10.53 0.34 -14.01
CA LEU A 182 9.50 0.61 -15.00
C LEU A 182 10.07 0.63 -16.40
N ILE A 183 11.29 1.16 -16.54
CA ILE A 183 11.92 1.23 -17.86
C ILE A 183 12.21 -0.17 -18.38
N SER A 184 12.78 -1.01 -17.52
CA SER A 184 13.08 -2.38 -17.91
C SER A 184 11.79 -3.17 -18.16
N TYR A 185 10.83 -3.01 -17.25
CA TYR A 185 9.54 -3.67 -17.43
C TYR A 185 8.92 -3.32 -18.78
N ALA A 186 8.91 -2.03 -19.12
CA ALA A 186 8.35 -1.59 -20.39
C ALA A 186 9.03 -2.28 -21.58
N LEU A 187 10.35 -2.36 -21.54
CA LEU A 187 11.09 -2.99 -22.63
C LEU A 187 10.80 -4.49 -22.68
N ASP A 188 10.78 -5.13 -21.52
CA ASP A 188 10.60 -6.57 -21.44
C ASP A 188 9.19 -6.98 -21.88
N LYS A 189 8.15 -6.37 -21.32
CA LYS A 189 6.81 -6.88 -21.59
C LYS A 189 6.22 -6.33 -22.87
N TYR A 190 6.54 -5.08 -23.22
CA TYR A 190 5.90 -4.43 -24.36
C TYR A 190 6.87 -3.96 -25.43
N SER A 191 8.16 -4.19 -25.29
CA SER A 191 9.14 -3.73 -26.27
C SER A 191 9.09 -2.22 -26.46
N ILE A 192 8.74 -1.51 -25.40
CA ILE A 192 8.62 -0.06 -25.42
C ILE A 192 9.90 0.55 -24.84
N GLN A 193 10.44 1.54 -25.53
CA GLN A 193 11.58 2.31 -25.01
C GLN A 193 11.01 3.47 -24.19
N LEU A 194 11.17 3.40 -22.88
CA LEU A 194 10.59 4.37 -21.97
C LEU A 194 11.68 5.28 -21.45
N ASP A 195 11.49 6.59 -21.61
CA ASP A 195 12.49 7.56 -21.20
C ASP A 195 12.34 7.87 -19.71
N LYS A 196 13.44 7.77 -18.97
CA LYS A 196 13.43 8.08 -17.55
C LYS A 196 12.86 9.48 -17.28
N THR A 197 13.14 10.44 -18.16
CA THR A 197 12.62 11.79 -17.90
C THR A 197 11.11 11.87 -18.05
N GLN A 198 10.47 10.83 -18.59
CA GLN A 198 9.02 10.72 -18.60
C GLN A 198 8.45 10.28 -17.26
N ILE A 199 9.30 9.88 -16.32
CA ILE A 199 8.88 9.32 -15.04
C ILE A 199 9.25 10.32 -13.94
N LYS A 200 8.24 10.78 -13.21
CA LYS A 200 8.41 11.84 -12.23
C LYS A 200 7.95 11.35 -10.87
N MET A 201 8.85 11.44 -9.89
CA MET A 201 8.43 11.28 -8.50
C MET A 201 7.75 12.57 -8.05
N LYS A 202 6.56 12.44 -7.47
CA LYS A 202 5.83 13.57 -6.93
C LYS A 202 5.67 13.36 -5.43
N THR A 203 6.25 14.26 -4.64
CA THR A 203 6.18 14.20 -3.18
C THR A 203 4.79 14.68 -2.77
N CYS A 204 3.99 13.78 -2.23
CA CYS A 204 2.60 14.15 -1.97
C CYS A 204 2.36 14.37 -0.49
N PRO A 205 1.78 15.51 -0.10
CA PRO A 205 1.59 15.80 1.33
C PRO A 205 0.49 14.94 1.95
N VAL A 206 0.82 14.33 3.09
CA VAL A 206 -0.12 13.60 3.93
C VAL A 206 0.11 14.07 5.35
N PRO A 207 -0.78 13.79 6.31
CA PRO A 207 -0.53 14.24 7.69
C PRO A 207 0.87 13.81 8.13
N GLN A 208 1.55 14.71 8.82
CA GLN A 208 2.90 14.46 9.29
C GLN A 208 2.91 14.31 10.80
N GLN A 209 3.64 13.31 11.26
CA GLN A 209 3.81 13.02 12.68
C GLN A 209 5.14 12.30 12.80
N PRO A 210 6.05 12.77 13.66
CA PRO A 210 7.45 12.31 13.61
C PRO A 210 7.73 10.95 14.24
N ASN A 211 6.74 10.17 14.69
CA ASN A 211 7.00 8.84 15.24
C ASN A 211 7.28 7.87 14.10
N MET A 212 8.54 7.44 13.95
CA MET A 212 8.82 6.51 12.85
C MET A 212 8.04 5.21 13.01
N SER A 213 7.89 4.72 14.25
CA SER A 213 7.20 3.46 14.48
C SER A 213 5.70 3.53 14.21
N ASP A 214 5.12 4.74 14.09
CA ASP A 214 3.75 4.88 13.60
C ASP A 214 3.65 4.92 12.07
N CYS A 215 4.77 4.99 11.34
CA CYS A 215 4.70 5.14 9.89
C CYS A 215 3.86 4.05 9.23
N GLY A 216 3.95 2.81 9.70
CA GLY A 216 3.16 1.75 9.10
C GLY A 216 1.66 1.98 9.18
N VAL A 217 1.22 2.60 10.28
CA VAL A 217 -0.20 2.93 10.46
C VAL A 217 -0.62 4.03 9.49
N HIS A 218 0.25 5.02 9.29
CA HIS A 218 -0.05 6.09 8.34
C HIS A 218 -0.11 5.56 6.91
N VAL A 219 0.79 4.63 6.54
CA VAL A 219 0.72 4.05 5.20
C VAL A 219 -0.65 3.41 4.97
N ILE A 220 -1.09 2.58 5.93
CA ILE A 220 -2.38 1.92 5.81
C ILE A 220 -3.49 2.94 5.60
N LEU A 221 -3.51 4.00 6.43
CA LEU A 221 -4.62 4.93 6.35
C LEU A 221 -4.52 5.87 5.16
N ASN A 222 -3.30 6.16 4.70
CA ASN A 222 -3.16 6.99 3.51
C ASN A 222 -3.62 6.23 2.27
N ILE A 223 -3.22 4.96 2.16
CA ILE A 223 -3.71 4.13 1.06
C ILE A 223 -5.23 3.98 1.16
N ARG A 224 -5.73 3.72 2.37
CA ARG A 224 -7.17 3.61 2.55
C ARG A 224 -7.88 4.87 2.08
N LYS A 225 -7.38 6.04 2.46
CA LYS A 225 -8.02 7.28 2.04
C LYS A 225 -7.96 7.44 0.52
N PHE A 226 -6.80 7.14 -0.07
CA PHE A 226 -6.68 7.27 -1.53
C PHE A 226 -7.78 6.49 -2.25
N PHE A 227 -8.06 5.26 -1.81
CA PHE A 227 -8.99 4.40 -2.52
C PHE A 227 -10.44 4.56 -2.08
N GLU A 228 -10.73 5.45 -1.13
CA GLU A 228 -12.11 5.90 -1.00
C GLU A 228 -12.48 6.85 -2.15
N ASN A 229 -11.51 7.52 -2.79
CA ASN A 229 -11.76 8.36 -3.96
C ASN A 229 -10.43 8.73 -4.61
N PRO A 230 -9.94 7.91 -5.54
CA PRO A 230 -8.61 8.15 -6.12
C PRO A 230 -8.52 9.43 -6.94
N VAL A 231 -9.48 9.67 -7.81
CA VAL A 231 -9.46 10.89 -8.63
C VAL A 231 -9.39 12.13 -7.74
N GLU A 232 -10.23 12.16 -6.69
CA GLU A 232 -10.23 13.32 -5.81
C GLU A 232 -8.91 13.44 -5.05
N THR A 233 -8.38 12.33 -4.56
CA THR A 233 -7.12 12.39 -3.83
C THR A 233 -6.00 12.86 -4.74
N ILE A 234 -5.96 12.36 -5.98
CA ILE A 234 -4.95 12.81 -6.92
C ILE A 234 -5.05 14.32 -7.12
N ASP A 235 -6.27 14.84 -7.19
CA ASP A 235 -6.45 16.28 -7.39
C ASP A 235 -5.99 17.07 -6.17
N VAL A 236 -6.27 16.56 -4.97
CA VAL A 236 -5.81 17.24 -3.75
C VAL A 236 -4.28 17.37 -3.77
N TRP A 237 -3.59 16.27 -4.01
CA TRP A 237 -2.13 16.30 -4.11
C TRP A 237 -1.67 17.23 -5.23
N LYS A 238 -2.29 17.12 -6.41
CA LYS A 238 -1.85 17.90 -7.56
C LYS A 238 -1.83 19.39 -7.26
N ASN A 239 -2.83 19.88 -6.52
CA ASN A 239 -2.93 21.31 -6.25
C ASN A 239 -2.36 21.69 -4.90
N SER A 240 -1.45 20.87 -4.35
CA SER A 240 -0.92 21.15 -3.02
C SER A 240 0.07 22.31 -3.01
N LYS A 241 0.39 22.90 -4.17
CA LYS A 241 1.30 24.04 -4.21
C LYS A 241 0.63 25.33 -4.66
N ILE A 242 -0.70 25.32 -4.85
CA ILE A 242 -1.38 26.55 -5.27
C ILE A 242 -1.48 27.53 -4.12
N LYS A 243 -1.81 27.05 -2.92
CA LYS A 243 -2.00 27.93 -1.78
C LYS A 243 -0.76 27.90 -0.90
N SER A 244 -0.79 28.70 0.17
CA SER A 244 0.31 28.76 1.10
C SER A 244 0.52 27.43 1.80
N LYS A 245 1.74 27.23 2.33
CA LYS A 245 2.03 26.03 3.11
C LYS A 245 1.04 25.84 4.24
N HIS A 246 0.60 26.94 4.86
CA HIS A 246 -0.31 26.85 6.00
C HIS A 246 -1.72 26.49 5.56
N PHE A 247 -2.24 27.13 4.51
CA PHE A 247 -3.54 26.73 3.96
C PHE A 247 -3.52 25.26 3.57
N THR A 248 -2.46 24.83 2.88
CA THR A 248 -2.40 23.45 2.40
C THR A 248 -2.36 22.46 3.56
N ALA A 249 -1.60 22.79 4.61
CA ALA A 249 -1.49 21.88 5.75
C ALA A 249 -2.86 21.63 6.37
N LYS A 250 -3.63 22.70 6.60
CA LYS A 250 -5.00 22.53 7.08
C LYS A 250 -5.82 21.67 6.11
N MET A 251 -5.72 21.95 4.81
CA MET A 251 -6.47 21.19 3.82
C MET A 251 -6.08 19.72 3.83
N ILE A 252 -4.77 19.44 3.83
CA ILE A 252 -4.30 18.06 3.84
C ILE A 252 -4.69 17.36 5.14
N ASN A 253 -4.59 18.06 6.27
CA ASN A 253 -4.91 17.43 7.54
C ASN A 253 -6.39 17.06 7.61
N LYS A 254 -7.27 17.92 7.07
CA LYS A 254 -8.69 17.62 7.10
C LYS A 254 -9.02 16.48 6.14
N TYR A 255 -8.51 16.56 4.91
CA TYR A 255 -8.84 15.56 3.90
C TYR A 255 -8.48 14.15 4.38
N PHE A 256 -7.33 13.99 5.02
CA PHE A 256 -6.83 12.70 5.47
C PHE A 256 -7.18 12.40 6.93
N ASP A 257 -8.14 13.12 7.52
CA ASP A 257 -8.64 12.84 8.88
C ASP A 257 -7.51 12.76 9.91
N LYS A 258 -6.67 13.81 9.93
CA LYS A 258 -5.55 13.77 10.87
C LYS A 258 -6.03 13.62 12.31
N ASN A 259 -7.20 14.18 12.65
CA ASN A 259 -7.66 14.14 14.04
C ASN A 259 -7.95 12.72 14.51
N GLU A 260 -8.19 11.78 13.59
CA GLU A 260 -8.42 10.39 13.93
C GLU A 260 -7.14 9.56 13.96
N ARG A 261 -6.02 10.09 13.48
CA ARG A 261 -4.80 9.28 13.36
C ARG A 261 -4.34 8.77 14.73
N ASN A 262 -4.56 9.56 15.78
CA ASN A 262 -4.13 9.16 17.11
C ASN A 262 -4.79 7.85 17.55
N SER A 263 -6.01 7.59 17.08
CA SER A 263 -6.74 6.38 17.44
C SER A 263 -6.69 5.30 16.37
N ALA A 264 -5.96 5.54 15.27
CA ALA A 264 -6.01 4.62 14.14
C ALA A 264 -5.55 3.23 14.53
N ARG A 265 -4.48 3.14 15.32
CA ARG A 265 -3.97 1.86 15.77
C ARG A 265 -5.05 1.04 16.47
N LYS A 266 -5.78 1.68 17.39
CA LYS A 266 -6.82 0.95 18.12
C LYS A 266 -7.92 0.50 17.17
N ASN A 267 -8.26 1.32 16.18
CA ASN A 267 -9.34 0.94 15.28
C ASN A 267 -8.94 -0.21 14.38
N LEU A 268 -7.66 -0.27 13.98
CA LEU A 268 -7.18 -1.43 13.25
C LEU A 268 -7.26 -2.69 14.09
N ARG A 269 -6.95 -2.59 15.39
CA ARG A 269 -7.07 -3.76 16.28
C ARG A 269 -8.51 -4.21 16.36
N HIS A 270 -9.43 -3.27 16.54
CA HIS A 270 -10.85 -3.62 16.59
C HIS A 270 -11.30 -4.30 15.31
N THR A 271 -10.80 -3.84 14.16
CA THR A 271 -11.20 -4.47 12.90
C THR A 271 -10.70 -5.91 12.83
N LEU A 272 -9.42 -6.12 13.10
CA LEU A 272 -8.88 -7.48 13.08
C LEU A 272 -9.57 -8.35 14.11
N LYS A 273 -9.62 -7.89 15.36
CA LYS A 273 -10.29 -8.64 16.41
C LYS A 273 -11.68 -9.07 15.98
N LEU A 274 -12.42 -8.16 15.35
CA LEU A 274 -13.76 -8.47 14.89
C LEU A 274 -13.73 -9.54 13.80
N LEU A 275 -12.84 -9.39 12.81
CA LEU A 275 -12.72 -10.40 11.77
C LEU A 275 -12.38 -11.77 12.36
N GLN A 276 -11.60 -11.80 13.44
CA GLN A 276 -11.26 -13.05 14.09
C GLN A 276 -12.48 -13.68 14.75
N LEU A 277 -13.26 -12.85 15.44
CA LEU A 277 -14.44 -13.36 16.12
C LEU A 277 -15.43 -13.97 15.13
N ASN A 278 -15.61 -13.35 13.97
CA ASN A 278 -16.48 -13.96 12.98
C ASN A 278 -15.88 -15.27 12.46
N TYR A 279 -14.57 -15.30 12.24
CA TYR A 279 -13.91 -16.53 11.82
C TYR A 279 -14.13 -17.65 12.83
N ILE A 280 -13.96 -17.35 14.12
CA ILE A 280 -14.23 -18.34 15.15
C ILE A 280 -15.67 -18.83 15.05
N SER A 281 -16.62 -17.90 14.89
CA SER A 281 -18.00 -18.32 14.73
C SER A 281 -18.14 -19.27 13.55
N TYR A 282 -17.51 -18.92 12.42
CA TYR A 282 -17.53 -19.82 11.28
C TYR A 282 -16.96 -21.18 11.66
N LEU A 283 -15.80 -21.21 12.31
CA LEU A 283 -15.18 -22.49 12.65
C LEU A 283 -16.07 -23.33 13.56
N LYS A 284 -16.75 -22.67 14.51
CA LYS A 284 -17.62 -23.41 15.42
C LYS A 284 -18.89 -23.87 14.71
N LYS A 285 -19.39 -23.10 13.74
CA LYS A 285 -20.55 -23.53 12.97
C LYS A 285 -20.22 -24.78 12.15
N GLU A 286 -19.06 -24.82 11.52
CA GLU A 286 -18.64 -25.94 10.69
C GLU A 286 -17.99 -27.08 11.50
N ASN A 287 -17.99 -26.99 12.83
CA ASN A 287 -17.35 -27.99 13.68
C ASN A 287 -15.88 -28.20 13.31
N LEU A 288 -15.22 -27.14 12.86
CA LEU A 288 -13.79 -27.14 12.59
C LEU A 288 -12.96 -26.49 13.68
N TYR A 289 -13.61 -25.90 14.69
CA TYR A 289 -12.88 -25.14 15.70
C TYR A 289 -11.89 -26.02 16.46
N GLU A 290 -12.34 -27.19 16.92
CA GLU A 290 -11.45 -28.05 17.70
C GLU A 290 -10.25 -28.50 16.89
N GLU A 291 -10.46 -28.91 15.63
CA GLU A 291 -9.33 -29.31 14.80
C GLU A 291 -8.31 -28.18 14.67
N VAL A 292 -8.77 -26.95 14.44
CA VAL A 292 -7.84 -25.85 14.21
C VAL A 292 -7.07 -25.51 15.49
N MET A 293 -7.77 -25.44 16.62
CA MET A 293 -7.10 -25.20 17.90
C MET A 293 -6.07 -26.28 18.20
N GLN A 294 -6.38 -27.55 17.91
CA GLN A 294 -5.41 -28.63 18.12
C GLN A 294 -4.15 -28.39 17.30
N MET A 295 -4.31 -28.15 15.99
CA MET A 295 -3.20 -27.82 15.12
C MET A 295 -2.60 -26.46 15.47
#